data_5C45
#
_entry.id   5C45
#
_cell.length_a   71.110
_cell.length_b   71.110
_cell.length_c   138.510
_cell.angle_alpha   90.00
_cell.angle_beta   90.00
_cell.angle_gamma   120.00
#
_symmetry.space_group_name_H-M   'P 31 2 1'
#
loop_
_entity.id
_entity.type
_entity.pdbx_description
1 polymer 'FMN Riboswitch'
2 polymer 'FMN Riboswitch'
3 non-polymer 'POTASSIUM ION'
4 non-polymer 'MAGNESIUM ION'
5 non-polymer (6M)-2-[(3S)-1-{[2-(methylamino)pyrimidin-5-yl]methyl}piperidin-3-yl]-6-(thiophen-2-yl)pyrimidin-4-ol
#
loop_
_entity_poly.entity_id
_entity_poly.type
_entity_poly.pdbx_seq_one_letter_code
_entity_poly.pdbx_strand_id
1 'polyribonucleotide' GGAUCUUCGGGGCAGGGUGAAAUUCCCGACCGGUGGUAUAGUCCACGAAAGCUU X
2 'polyribonucleotide' GCUUUGAUUUGGUGAAAUUCCAAAACCGACAGUAGAGUCUGGAUGAGAGAAGAUUC Y
#
loop_
_chem_comp.id
_chem_comp.type
_chem_comp.name
_chem_comp.formula
51B non-polymer (6M)-2-[(3S)-1-{[2-(methylamino)pyrimidin-5-yl]methyl}piperidin-3-yl]-6-(thiophen-2-yl)pyrimidin-4-ol 'C19 H22 N6 O S'
A RNA linking ADENOSINE-5'-MONOPHOSPHATE 'C10 H14 N5 O7 P'
C RNA linking CYTIDINE-5'-MONOPHOSPHATE 'C9 H14 N3 O8 P'
G RNA linking GUANOSINE-5'-MONOPHOSPHATE 'C10 H14 N5 O8 P'
K non-polymer 'POTASSIUM ION' 'K 1'
MG non-polymer 'MAGNESIUM ION' 'Mg 2'
U RNA linking URIDINE-5'-MONOPHOSPHATE 'C9 H13 N2 O9 P'
#
# COMPACT_ATOMS: atom_id res chain seq x y z
K K C . 2.23 -8.59 -12.81
MG MG D . -17.86 11.71 -0.72
K K E . -24.46 17.95 -5.22
K K F . -11.88 -4.60 -8.90
N01 51B G . 3.80 2.78 -0.31
C02 51B G . 3.10 1.70 -0.04
N03 51B G . 3.55 0.62 0.64
C04 51B G . 4.81 0.66 1.16
C05 51B G . 5.61 1.75 0.96
C06 51B G . 5.10 2.86 0.18
O07 51B G . 5.78 3.86 -0.07
C08 51B G . 1.71 1.53 -0.64
C09 51B G . 1.57 0.01 -0.80
N10 51B G . 0.35 -0.35 -1.50
C11 51B G . 0.38 0.22 -2.87
C12 51B G . 0.48 1.74 -2.82
C13 51B G . 1.68 2.19 -2.02
C14 51B G . 5.13 -0.57 1.88
S15 51B G . 4.00 -1.84 2.07
C16 51B G . 5.08 -2.78 2.93
C17 51B G . 6.27 -2.17 3.04
C18 51B G . 6.30 -0.89 2.44
C19 51B G . 0.10 -1.80 -1.53
C20 51B G . 0.51 -2.60 -0.31
C21 51B G . 1.53 -3.54 -0.36
N22 51B G . 1.86 -4.36 0.65
C23 51B G . 1.10 -4.24 1.75
N24 51B G . 0.04 -3.41 1.90
C25 51B G . -0.24 -2.63 0.85
N26 51B G . 1.39 -5.06 2.78
C27 51B G . 0.69 -5.11 4.04
K K H . 0.21 9.05 -0.32
MG MG I . -3.99 7.01 10.32
K K J . -9.68 -21.96 -13.28
K K K . -6.24 10.82 16.93
#